data_8E3E
#
_entry.id   8E3E
#
_cell.length_a   67.519
_cell.length_b   147.175
_cell.length_c   68.064
_cell.angle_alpha   90.000
_cell.angle_beta   96.460
_cell.angle_gamma   90.000
#
_symmetry.space_group_name_H-M   'P 1 21 1'
#
loop_
_entity.id
_entity.type
_entity.pdbx_description
1 polymer 'Zinc finger and BTB domain-containing protein 7A'
2 polymer "DNA (5'-D(*CP*TP*TP*TP*GP*GP*GP*GP*AP*GP*GP*GP*GP*TP*CP*TP*TP*TP*TP*AP*C)-3')"
3 polymer "DNA (5'-D(*GP*GP*TP*AP*AP*AP*AP*GP*AP*CP*CP*CP*CP*TP*CP*CP*CP*CP*AP*AP*A)-3')"
4 non-polymer 'ZINC ION'
5 water water
#
loop_
_entity_poly.entity_id
_entity_poly.type
_entity_poly.pdbx_seq_one_letter_code
_entity_poly.pdbx_strand_id
1 'polypeptide(L)'
;SRADDKGVMDYYLKYFSGAHDGDVYPAWSQKVEKKIRAKAFQKCPICEKVIQGAGKLPRHIRTHTGEKPYECNICKVRFT
RQDKLKVHMRKHTGEKPYLCQQCGAAFAHNYDLKNHMRVHTGLRPYQCDSCCKTFVRSDHLHRHLKKDGCNGVPSRRGRK
PRVRG
;
A,B,F
2 'polydeoxyribonucleotide'
;(DC)(DT)(DT)(DT)(DG)(DG)(DG)(DG)(DA)(DG)(DG)(DG)(DG)(DT)(DC)(DT)(DT)(DT)(DT)(DA)
(DC)
;
X,D,H
3 'polydeoxyribonucleotide'
;(DG)(DG)(DT)(DA)(DA)(DA)(DA)(DG)(DA)(DC)(DC)(DC)(DC)(DT)(DC)(DC)(DC)(DC)(DA)(DA)
(DA)
;
Y,E,I
#
# COMPACT_ATOMS: atom_id res chain seq x y z
N PHE A 41 -26.75 27.29 20.65
CA PHE A 41 -26.87 27.46 22.10
C PHE A 41 -26.99 28.95 22.46
N GLN A 42 -26.00 29.74 22.03
CA GLN A 42 -25.99 31.17 22.31
C GLN A 42 -25.42 31.90 21.10
N LYS A 43 -25.60 33.22 21.10
CA LYS A 43 -25.19 34.07 19.98
C LYS A 43 -23.99 34.91 20.37
N CYS A 44 -23.08 35.10 19.43
CA CYS A 44 -21.86 35.87 19.68
C CYS A 44 -22.22 37.33 19.96
N PRO A 45 -21.64 37.94 20.99
CA PRO A 45 -21.98 39.35 21.28
C PRO A 45 -21.41 40.35 20.30
N ILE A 46 -20.50 39.93 19.41
CA ILE A 46 -19.83 40.84 18.49
C ILE A 46 -20.26 40.59 17.05
N CYS A 47 -20.01 39.39 16.54
CA CYS A 47 -20.33 39.06 15.15
C CYS A 47 -21.75 38.56 14.97
N GLU A 48 -22.51 38.36 16.05
CA GLU A 48 -23.89 37.88 15.99
C GLU A 48 -24.00 36.57 15.22
N LYS A 49 -23.04 35.66 15.44
CA LYS A 49 -23.04 34.36 14.80
C LYS A 49 -23.37 33.29 15.83
N VAL A 50 -24.27 32.38 15.48
CA VAL A 50 -24.73 31.35 16.39
C VAL A 50 -23.74 30.19 16.38
N ILE A 51 -23.39 29.70 17.57
CA ILE A 51 -22.50 28.56 17.73
C ILE A 51 -23.30 27.42 18.34
N GLN A 52 -23.33 26.27 17.66
CA GLN A 52 -24.04 25.10 18.14
C GLN A 52 -23.26 24.30 19.16
N GLY A 53 -21.95 24.54 19.27
CA GLY A 53 -21.16 23.84 20.27
C GLY A 53 -21.54 24.27 21.67
N ALA A 54 -21.73 23.28 22.55
CA ALA A 54 -22.07 23.56 23.95
C ALA A 54 -20.83 24.10 24.67
N GLY A 55 -20.90 25.36 25.09
CA GLY A 55 -19.78 25.98 25.76
C GLY A 55 -18.66 26.43 24.84
N LYS A 56 -18.87 26.36 23.52
CA LYS A 56 -17.85 26.77 22.56
C LYS A 56 -17.93 28.25 22.20
N LEU A 57 -18.96 28.96 22.65
CA LEU A 57 -19.04 30.39 22.40
C LEU A 57 -17.85 31.17 22.98
N PRO A 58 -17.39 30.91 24.21
CA PRO A 58 -16.16 31.58 24.67
C PRO A 58 -14.96 31.32 23.77
N ARG A 59 -14.86 30.12 23.19
CA ARG A 59 -13.77 29.83 22.27
C ARG A 59 -13.87 30.70 21.02
N HIS A 60 -15.08 30.91 20.50
CA HIS A 60 -15.24 31.69 19.28
C HIS A 60 -14.89 33.16 19.51
N ILE A 61 -15.45 33.77 20.55
CA ILE A 61 -15.23 35.20 20.75
C ILE A 61 -13.81 35.50 21.20
N ARG A 62 -13.08 34.50 21.68
CA ARG A 62 -11.67 34.69 22.01
C ARG A 62 -10.82 34.86 20.77
N THR A 63 -11.32 34.45 19.60
CA THR A 63 -10.56 34.63 18.37
C THR A 63 -10.56 36.09 17.90
N HIS A 64 -11.59 36.85 18.26
CA HIS A 64 -11.65 38.26 17.87
C HIS A 64 -10.55 39.10 18.50
N THR A 65 -10.01 38.68 19.65
CA THR A 65 -8.95 39.44 20.29
C THR A 65 -7.65 39.38 19.48
N GLY A 66 -7.38 38.24 18.87
CA GLY A 66 -6.11 38.01 18.21
C GLY A 66 -5.00 37.55 19.12
N GLU A 67 -5.27 37.38 20.41
CA GLU A 67 -4.26 36.94 21.36
C GLU A 67 -3.93 35.46 21.14
N LYS A 68 -2.74 35.08 21.60
CA LYS A 68 -2.25 33.71 21.49
C LYS A 68 -1.77 33.26 22.86
N PRO A 69 -2.70 33.03 23.80
CA PRO A 69 -2.30 32.76 25.19
C PRO A 69 -1.52 31.47 25.35
N TYR A 70 -1.65 30.50 24.44
CA TYR A 70 -0.96 29.23 24.56
C TYR A 70 0.36 29.30 23.80
N GLU A 71 1.46 29.09 24.52
CA GLU A 71 2.80 29.23 23.98
C GLU A 71 3.57 27.93 24.16
N CYS A 72 4.25 27.49 23.10
CA CYS A 72 5.15 26.35 23.17
C CYS A 72 6.43 26.77 23.88
N ASN A 73 6.69 26.18 25.05
CA ASN A 73 7.83 26.60 25.85
C ASN A 73 9.17 26.22 25.22
N ILE A 74 9.17 25.34 24.23
CA ILE A 74 10.40 24.88 23.59
C ILE A 74 10.77 25.82 22.45
N CYS A 75 9.89 25.96 21.47
CA CYS A 75 10.16 26.74 20.27
C CYS A 75 9.68 28.18 20.37
N LYS A 76 9.07 28.56 21.49
CA LYS A 76 8.59 29.93 21.72
C LYS A 76 7.59 30.36 20.67
N VAL A 77 6.83 29.41 20.11
CA VAL A 77 5.81 29.68 19.11
C VAL A 77 4.45 29.58 19.79
N ARG A 78 3.63 30.62 19.64
CA ARG A 78 2.35 30.71 20.31
C ARG A 78 1.23 30.31 19.36
N PHE A 79 0.22 29.61 19.91
CA PHE A 79 -0.93 29.15 19.15
C PHE A 79 -2.20 29.77 19.71
N THR A 80 -3.31 29.54 19.01
CA THR A 80 -4.60 30.11 19.36
C THR A 80 -5.36 29.29 20.40
N ARG A 81 -5.35 27.97 20.27
CA ARG A 81 -6.12 27.11 21.16
C ARG A 81 -5.23 26.03 21.75
N GLN A 82 -5.67 25.47 22.87
CA GLN A 82 -4.87 24.47 23.58
C GLN A 82 -4.65 23.22 22.75
N ASP A 83 -5.68 22.75 22.04
CA ASP A 83 -5.55 21.53 21.24
C ASP A 83 -4.55 21.72 20.11
N LYS A 84 -4.53 22.89 19.48
CA LYS A 84 -3.54 23.16 18.45
C LYS A 84 -2.13 23.13 19.01
N LEU A 85 -1.94 23.63 20.24
CA LEU A 85 -0.65 23.53 20.89
C LEU A 85 -0.28 22.08 21.18
N LYS A 86 -1.28 21.27 21.56
CA LYS A 86 -1.01 19.88 21.90
C LYS A 86 -0.52 19.10 20.68
N VAL A 87 -1.17 19.30 19.53
CA VAL A 87 -0.73 18.60 18.32
C VAL A 87 0.62 19.13 17.84
N HIS A 88 0.93 20.40 18.13
CA HIS A 88 2.25 20.92 17.80
C HIS A 88 3.33 20.24 18.63
N MET A 89 3.03 19.95 19.89
CA MET A 89 3.99 19.29 20.77
C MET A 89 4.33 17.88 20.28
N ARG A 90 3.48 17.27 19.47
CA ARG A 90 3.81 15.97 18.90
C ARG A 90 5.05 16.05 18.02
N LYS A 91 5.28 17.21 17.41
CA LYS A 91 6.48 17.39 16.59
C LYS A 91 7.75 17.26 17.42
N HIS A 92 7.77 17.90 18.59
CA HIS A 92 8.95 17.87 19.44
C HIS A 92 9.11 16.53 20.15
N THR A 93 8.02 15.96 20.66
CA THR A 93 8.11 14.68 21.36
C THR A 93 8.20 13.50 20.42
N GLY A 94 7.82 13.67 19.15
CA GLY A 94 7.90 12.59 18.20
C GLY A 94 6.80 11.55 18.30
N GLU A 95 5.75 11.83 19.07
CA GLU A 95 4.67 10.86 19.24
C GLU A 95 3.92 10.65 17.93
N LYS A 96 3.58 9.39 17.65
CA LYS A 96 2.86 9.00 16.44
C LYS A 96 1.67 8.15 16.87
N PRO A 97 0.57 8.78 17.29
CA PRO A 97 -0.56 8.00 17.85
C PRO A 97 -1.38 7.26 16.80
N TYR A 98 -1.35 7.68 15.55
CA TYR A 98 -2.18 7.09 14.51
C TYR A 98 -1.43 5.92 13.87
N LEU A 99 -2.06 4.74 13.85
CA LEU A 99 -1.44 3.51 13.40
C LEU A 99 -2.25 2.88 12.28
N CYS A 100 -1.56 2.28 11.32
CA CYS A 100 -2.22 1.53 10.26
C CYS A 100 -2.51 0.11 10.74
N GLN A 101 -3.73 -0.37 10.46
CA GLN A 101 -4.13 -1.68 10.95
C GLN A 101 -3.30 -2.80 10.33
N GLN A 102 -3.02 -2.70 9.03
CA GLN A 102 -2.27 -3.74 8.32
C GLN A 102 -0.80 -3.38 8.14
N CYS A 103 -0.49 -2.16 7.69
CA CYS A 103 0.89 -1.75 7.55
C CYS A 103 1.60 -1.68 8.90
N GLY A 104 0.91 -1.18 9.93
CA GLY A 104 1.56 -0.84 11.17
C GLY A 104 2.27 0.49 11.16
N ALA A 105 2.14 1.26 10.09
CA ALA A 105 2.79 2.55 9.99
C ALA A 105 2.23 3.53 11.00
N ALA A 106 3.10 4.34 11.59
CA ALA A 106 2.74 5.30 12.62
C ALA A 106 2.86 6.71 12.05
N PHE A 107 1.82 7.53 12.27
CA PHE A 107 1.78 8.89 11.78
C PHE A 107 1.34 9.83 12.90
N ALA A 108 1.83 11.08 12.82
CA ALA A 108 1.51 12.08 13.84
C ALA A 108 0.17 12.76 13.59
N HIS A 109 -0.40 12.62 12.39
CA HIS A 109 -1.65 13.27 12.06
C HIS A 109 -2.63 12.24 11.49
N ASN A 110 -3.93 12.52 11.69
CA ASN A 110 -4.94 11.59 11.21
C ASN A 110 -4.98 11.55 9.69
N TYR A 111 -4.81 12.69 9.03
CA TYR A 111 -4.83 12.72 7.56
C TYR A 111 -3.63 11.98 6.98
N ASP A 112 -2.48 12.03 7.66
CA ASP A 112 -1.33 11.26 7.19
C ASP A 112 -1.63 9.77 7.18
N LEU A 113 -2.37 9.29 8.18
CA LEU A 113 -2.84 7.91 8.16
C LEU A 113 -3.79 7.66 6.99
N LYS A 114 -4.68 8.62 6.73
CA LYS A 114 -5.63 8.46 5.63
C LYS A 114 -4.92 8.41 4.28
N ASN A 115 -3.90 9.25 4.10
CA ASN A 115 -3.12 9.21 2.86
C ASN A 115 -2.40 7.87 2.71
N HIS A 116 -1.91 7.31 3.81
CA HIS A 116 -1.25 6.01 3.74
C HIS A 116 -2.19 4.91 3.30
N MET A 117 -3.48 5.03 3.62
CA MET A 117 -4.44 4.04 3.15
C MET A 117 -4.50 4.01 1.64
N ARG A 118 -4.29 5.16 0.99
CA ARG A 118 -4.33 5.23 -0.46
C ARG A 118 -3.22 4.42 -1.11
N VAL A 119 -2.14 4.11 -0.39
CA VAL A 119 -1.12 3.23 -0.95
C VAL A 119 -1.54 1.77 -0.88
N HIS A 120 -2.50 1.44 -0.02
CA HIS A 120 -3.04 0.09 0.07
C HIS A 120 -4.21 -0.13 -0.89
N THR A 121 -5.20 0.76 -0.85
CA THR A 121 -6.38 0.62 -1.69
C THR A 121 -6.21 1.23 -3.07
N GLY A 122 -5.34 2.23 -3.21
CA GLY A 122 -5.20 2.90 -4.49
C GLY A 122 -6.39 3.73 -4.89
N LEU A 123 -7.25 4.07 -3.93
CA LEU A 123 -8.51 4.75 -4.22
C LEU A 123 -8.40 6.22 -3.86
N ARG A 124 -8.74 7.10 -4.81
CA ARG A 124 -8.80 8.53 -4.54
C ARG A 124 -10.18 8.86 -3.98
N PRO A 125 -10.26 9.35 -2.73
CA PRO A 125 -11.55 9.34 -2.03
C PRO A 125 -12.60 10.29 -2.57
N TYR A 126 -12.23 11.55 -2.80
CA TYR A 126 -13.21 12.57 -3.15
C TYR A 126 -13.49 12.56 -4.65
N GLN A 127 -14.76 12.67 -5.00
CA GLN A 127 -15.21 12.60 -6.39
C GLN A 127 -16.21 13.72 -6.67
N CYS A 128 -16.08 14.33 -7.85
CA CYS A 128 -16.99 15.39 -8.27
C CYS A 128 -18.22 14.78 -8.91
N ASP A 129 -19.40 15.13 -8.37
CA ASP A 129 -20.65 14.50 -8.79
C ASP A 129 -21.07 14.86 -10.21
N SER A 130 -20.46 15.89 -10.81
CA SER A 130 -20.85 16.35 -12.15
C SER A 130 -19.80 16.07 -13.20
N CYS A 131 -18.55 16.48 -12.97
CA CYS A 131 -17.48 16.27 -13.94
C CYS A 131 -16.82 14.90 -13.82
N CYS A 132 -17.17 14.12 -12.79
CA CYS A 132 -16.66 12.76 -12.60
C CYS A 132 -15.14 12.74 -12.52
N LYS A 133 -14.57 13.74 -11.85
CA LYS A 133 -13.15 13.76 -11.53
C LYS A 133 -12.94 13.40 -10.07
N THR A 134 -11.71 13.02 -9.74
CA THR A 134 -11.37 12.59 -8.39
C THR A 134 -10.30 13.50 -7.81
N PHE A 135 -10.26 13.53 -6.47
CA PHE A 135 -9.29 14.33 -5.74
C PHE A 135 -8.87 13.58 -4.48
N VAL A 136 -7.70 13.96 -3.95
CA VAL A 136 -7.14 13.27 -2.79
C VAL A 136 -7.40 13.99 -1.48
N ARG A 137 -7.85 15.24 -1.52
CA ARG A 137 -8.18 15.97 -0.31
C ARG A 137 -9.46 16.76 -0.53
N SER A 138 -10.17 17.02 0.58
CA SER A 138 -11.49 17.65 0.47
C SER A 138 -11.42 19.05 -0.10
N ASP A 139 -10.45 19.85 0.34
CA ASP A 139 -10.35 21.22 -0.14
C ASP A 139 -10.01 21.27 -1.63
N HIS A 140 -9.35 20.23 -2.15
CA HIS A 140 -9.09 20.18 -3.59
C HIS A 140 -10.40 20.08 -4.37
N LEU A 141 -11.35 19.27 -3.88
CA LEU A 141 -12.66 19.20 -4.50
C LEU A 141 -13.38 20.54 -4.43
N HIS A 142 -13.30 21.21 -3.28
CA HIS A 142 -13.94 22.52 -3.12
C HIS A 142 -13.32 23.55 -4.05
N ARG A 143 -12.00 23.50 -4.21
CA ARG A 143 -11.32 24.43 -5.11
C ARG A 143 -11.77 24.22 -6.55
N HIS A 144 -11.94 22.97 -6.96
CA HIS A 144 -12.39 22.69 -8.33
C HIS A 144 -13.78 23.26 -8.59
N LEU A 145 -14.69 23.11 -7.63
CA LEU A 145 -16.05 23.61 -7.80
C LEU A 145 -16.06 25.14 -7.90
N LYS A 146 -15.32 25.83 -7.02
CA LYS A 146 -15.32 27.28 -7.04
C LYS A 146 -14.59 27.84 -8.25
N LYS A 147 -13.38 27.33 -8.53
CA LYS A 147 -12.55 27.94 -9.56
C LYS A 147 -13.06 27.62 -10.96
N ASP A 148 -13.43 26.37 -11.21
CA ASP A 148 -13.80 25.91 -12.53
C ASP A 148 -15.30 25.72 -12.65
N GLY A 149 -15.77 25.62 -13.90
CA GLY A 149 -17.15 25.34 -14.21
C GLY A 149 -17.51 23.88 -14.20
N CYS A 150 -16.58 23.00 -13.81
CA CYS A 150 -16.79 21.57 -13.70
C CYS A 150 -17.11 20.94 -15.05
N ASN A 151 -18.29 21.23 -15.59
CA ASN A 151 -18.73 20.70 -16.87
C ASN A 151 -18.68 19.17 -16.91
N PHE D 41 40.71 -12.92 17.32
CA PHE D 41 41.54 -11.93 18.01
C PHE D 41 42.07 -12.49 19.33
N GLN D 42 41.16 -12.92 20.19
CA GLN D 42 41.52 -13.47 21.49
C GLN D 42 40.46 -14.48 21.91
N LYS D 43 40.83 -15.36 22.83
CA LYS D 43 39.96 -16.41 23.31
C LYS D 43 39.64 -16.21 24.79
N CYS D 44 38.46 -16.67 25.19
CA CYS D 44 37.98 -16.57 26.56
C CYS D 44 38.71 -17.58 27.45
N PRO D 45 39.01 -17.22 28.70
CA PRO D 45 39.60 -18.20 29.62
C PRO D 45 38.71 -19.40 29.89
N ILE D 46 37.39 -19.20 29.91
CA ILE D 46 36.48 -20.30 30.25
C ILE D 46 36.31 -21.24 29.07
N CYS D 47 35.80 -20.73 27.95
CA CYS D 47 35.65 -21.50 26.73
C CYS D 47 36.72 -21.08 25.73
N GLU D 48 37.30 -22.06 25.04
CA GLU D 48 38.49 -21.85 24.23
C GLU D 48 38.18 -21.40 22.81
N LYS D 49 37.03 -20.76 22.59
CA LYS D 49 36.69 -20.22 21.28
C LYS D 49 37.04 -18.74 21.23
N VAL D 50 37.32 -18.25 20.02
CA VAL D 50 37.83 -16.90 19.82
C VAL D 50 36.68 -15.93 19.67
N ILE D 51 36.98 -14.65 19.89
CA ILE D 51 36.02 -13.56 19.72
C ILE D 51 36.60 -12.62 18.66
N GLN D 52 35.86 -12.44 17.56
CA GLN D 52 36.35 -11.61 16.47
C GLN D 52 36.24 -10.13 16.78
N GLY D 53 35.18 -9.72 17.48
CA GLY D 53 34.97 -8.31 17.73
C GLY D 53 36.06 -7.72 18.62
N ALA D 54 36.43 -6.47 18.33
CA ALA D 54 37.43 -5.77 19.12
C ALA D 54 36.78 -5.23 20.38
N GLY D 55 37.27 -5.68 21.54
CA GLY D 55 36.67 -5.31 22.81
C GLY D 55 35.40 -6.03 23.15
N LYS D 56 35.00 -7.02 22.34
CA LYS D 56 33.79 -7.78 22.60
C LYS D 56 34.04 -9.02 23.47
N LEU D 57 35.29 -9.30 23.81
CA LEU D 57 35.57 -10.41 24.72
C LEU D 57 34.94 -10.22 26.09
N PRO D 58 35.02 -9.06 26.75
CA PRO D 58 34.32 -8.91 28.04
C PRO D 58 32.82 -9.11 27.93
N ARG D 59 32.19 -8.74 26.82
CA ARG D 59 30.77 -9.01 26.64
C ARG D 59 30.49 -10.50 26.64
N HIS D 60 31.34 -11.28 25.98
CA HIS D 60 31.20 -12.73 25.99
C HIS D 60 31.47 -13.30 27.39
N ILE D 61 32.38 -12.68 28.15
CA ILE D 61 32.68 -13.19 29.49
C ILE D 61 31.45 -13.14 30.38
N ARG D 62 30.69 -12.04 30.30
CA ARG D 62 29.49 -11.89 31.13
C ARG D 62 28.41 -12.90 30.76
N THR D 63 28.46 -13.47 29.55
CA THR D 63 27.45 -14.44 29.16
C THR D 63 27.60 -15.75 29.92
N HIS D 64 28.82 -16.10 30.32
CA HIS D 64 29.04 -17.34 31.06
C HIS D 64 28.36 -17.32 32.42
N THR D 65 28.18 -16.14 33.01
CA THR D 65 27.51 -16.04 34.29
C THR D 65 26.06 -16.46 34.20
N GLY D 66 25.38 -16.09 33.11
CA GLY D 66 23.97 -16.34 32.97
C GLY D 66 23.08 -15.34 33.66
N GLU D 67 23.64 -14.28 34.23
CA GLU D 67 22.86 -13.27 34.91
C GLU D 67 22.26 -12.28 33.91
N LYS D 68 21.21 -11.59 34.34
CA LYS D 68 20.54 -10.58 33.55
C LYS D 68 20.42 -9.31 34.39
N PRO D 69 21.53 -8.56 34.53
CA PRO D 69 21.51 -7.38 35.41
C PRO D 69 20.53 -6.31 34.99
N TYR D 70 20.31 -6.12 33.69
CA TYR D 70 19.46 -5.05 33.20
C TYR D 70 17.99 -5.47 33.34
N GLU D 71 17.23 -4.70 34.11
CA GLU D 71 15.85 -5.03 34.44
C GLU D 71 14.92 -3.90 34.01
N CYS D 72 13.85 -4.25 33.31
CA CYS D 72 12.82 -3.28 32.98
C CYS D 72 12.07 -2.86 34.24
N ASN D 73 11.82 -1.57 34.36
CA ASN D 73 11.14 -1.03 35.53
C ASN D 73 9.62 -1.05 35.41
N ILE D 74 9.08 -1.53 34.29
CA ILE D 74 7.63 -1.59 34.08
C ILE D 74 7.11 -3.03 34.16
N CYS D 75 7.59 -3.90 33.27
CA CYS D 75 7.17 -5.29 33.24
C CYS D 75 8.07 -6.21 34.05
N LYS D 76 9.14 -5.67 34.64
CA LYS D 76 10.02 -6.43 35.55
C LYS D 76 10.60 -7.67 34.87
N VAL D 77 11.02 -7.53 33.62
CA VAL D 77 11.72 -8.58 32.89
C VAL D 77 13.18 -8.18 32.76
N ARG D 78 14.08 -9.12 33.04
CA ARG D 78 15.51 -8.84 33.07
C ARG D 78 16.16 -9.30 31.78
N PHE D 79 17.21 -8.57 31.37
CA PHE D 79 17.91 -8.80 30.12
C PHE D 79 19.41 -8.88 30.35
N THR D 80 20.08 -9.65 29.50
CA THR D 80 21.52 -9.85 29.65
C THR D 80 22.31 -8.60 29.29
N ARG D 81 21.84 -7.83 28.31
CA ARG D 81 22.61 -6.72 27.77
C ARG D 81 21.78 -5.45 27.76
N GLN D 82 22.47 -4.31 27.80
CA GLN D 82 21.79 -3.01 27.85
C GLN D 82 20.99 -2.75 26.57
N ASP D 83 21.57 -3.07 25.40
CA ASP D 83 20.89 -2.77 24.15
C ASP D 83 19.58 -3.53 24.01
N LYS D 84 19.50 -4.75 24.55
CA LYS D 84 18.23 -5.47 24.56
C LYS D 84 17.21 -4.75 25.42
N LEU D 85 17.64 -4.19 26.56
CA LEU D 85 16.73 -3.43 27.40
C LEU D 85 16.24 -2.17 26.68
N LYS D 86 17.12 -1.51 25.93
CA LYS D 86 16.74 -0.29 25.24
C LYS D 86 15.65 -0.53 24.22
N VAL D 87 15.77 -1.61 23.43
CA VAL D 87 14.76 -1.91 22.43
C VAL D 87 13.48 -2.43 23.06
N HIS D 88 13.56 -3.00 24.27
CA HIS D 88 12.34 -3.40 24.97
C HIS D 88 11.60 -2.18 25.53
N MET D 89 12.35 -1.21 26.08
CA MET D 89 11.73 0.03 26.51
C MET D 89 11.10 0.79 25.35
N ARG D 90 11.56 0.53 24.13
CA ARG D 90 10.93 1.11 22.95
C ARG D 90 9.47 0.70 22.85
N LYS D 91 9.14 -0.51 23.30
CA LYS D 91 7.75 -0.97 23.26
C LYS D 91 6.89 -0.23 24.27
N HIS D 92 7.43 0.00 25.48
CA HIS D 92 6.65 0.71 26.49
C HIS D 92 6.43 2.17 26.11
N THR D 93 7.46 2.84 25.62
CA THR D 93 7.36 4.25 25.27
C THR D 93 6.67 4.48 23.92
N GLY D 94 6.47 3.44 23.12
CA GLY D 94 5.83 3.61 21.84
C GLY D 94 6.68 4.30 20.79
N GLU D 95 8.00 4.28 20.95
CA GLU D 95 8.89 4.92 19.98
C GLU D 95 8.88 4.17 18.66
N LYS D 96 8.94 4.93 17.56
CA LYS D 96 8.99 4.38 16.21
C LYS D 96 10.18 4.98 15.48
N PRO D 97 11.40 4.56 15.83
CA PRO D 97 12.59 5.21 15.26
C PRO D 97 12.73 5.08 13.75
N TYR D 98 12.30 3.96 13.18
CA TYR D 98 12.47 3.73 11.75
C TYR D 98 11.41 4.50 10.98
N LEU D 99 11.84 5.46 10.16
CA LEU D 99 10.93 6.35 9.46
C LEU D 99 11.22 6.33 7.97
N CYS D 100 10.14 6.38 7.16
CA CYS D 100 10.28 6.46 5.72
C CYS D 100 10.82 7.82 5.30
N GLN D 101 11.62 7.83 4.23
CA GLN D 101 12.25 9.06 3.78
C GLN D 101 11.26 10.00 3.09
N GLN D 102 10.32 9.46 2.31
CA GLN D 102 9.40 10.29 1.54
C GLN D 102 8.04 10.43 2.22
N CYS D 103 7.37 9.32 2.51
CA CYS D 103 6.04 9.38 3.10
C CYS D 103 6.06 9.61 4.61
N GLY D 104 7.21 9.44 5.25
CA GLY D 104 7.31 9.72 6.67
C GLY D 104 6.69 8.68 7.58
N ALA D 105 6.35 7.50 7.06
CA ALA D 105 5.77 6.47 7.90
C ALA D 105 6.79 5.96 8.91
N ALA D 106 6.35 5.80 10.15
CA ALA D 106 7.22 5.41 11.25
C ALA D 106 6.89 4.00 11.70
N PHE D 107 7.93 3.20 11.97
CA PHE D 107 7.79 1.80 12.33
C PHE D 107 8.67 1.46 13.51
N ALA D 108 8.24 0.47 14.29
CA ALA D 108 8.99 0.03 15.45
C ALA D 108 10.18 -0.85 15.07
N HIS D 109 10.11 -1.54 13.94
CA HIS D 109 11.14 -2.48 13.52
C HIS D 109 11.63 -2.15 12.12
N ASN D 110 12.88 -2.52 11.85
CA ASN D 110 13.48 -2.22 10.55
C ASN D 110 12.80 -3.02 9.43
N TYR D 111 12.46 -4.28 9.70
CA TYR D 111 11.84 -5.10 8.66
C TYR D 111 10.47 -4.59 8.27
N ASP D 112 9.73 -4.00 9.23
CA ASP D 112 8.46 -3.37 8.89
C ASP D 112 8.66 -2.18 7.96
N LEU D 113 9.72 -1.39 8.21
CA LEU D 113 10.04 -0.28 7.32
C LEU D 113 10.39 -0.77 5.93
N LYS D 114 11.15 -1.86 5.84
CA LYS D 114 11.50 -2.42 4.53
C LYS D 114 10.26 -2.87 3.77
N ASN D 115 9.31 -3.50 4.47
CA ASN D 115 8.06 -3.88 3.83
C ASN D 115 7.28 -2.66 3.36
N HIS D 116 7.44 -1.52 4.05
CA HIS D 116 6.83 -0.28 3.57
C HIS D 116 7.51 0.21 2.29
N MET D 117 8.82 -0.04 2.15
CA MET D 117 9.51 0.34 0.92
C MET D 117 9.00 -0.43 -0.29
N ARG D 118 8.27 -1.53 -0.06
CA ARG D 118 7.63 -2.24 -1.16
C ARG D 118 6.61 -1.34 -1.87
N VAL D 119 5.83 -0.57 -1.10
CA VAL D 119 4.81 0.27 -1.71
C VAL D 119 5.41 1.41 -2.51
N HIS D 120 6.69 1.73 -2.29
CA HIS D 120 7.37 2.79 -3.01
C HIS D 120 8.20 2.25 -4.18
N THR D 121 9.00 1.22 -3.95
CA THR D 121 9.87 0.68 -4.99
C THR D 121 9.22 -0.47 -5.76
N GLY D 122 8.18 -1.08 -5.22
CA GLY D 122 7.51 -2.19 -5.87
C GLY D 122 8.13 -3.54 -5.66
N LEU D 123 9.24 -3.63 -4.92
CA LEU D 123 9.96 -4.88 -4.71
C LEU D 123 9.95 -5.24 -3.23
N ARG D 124 9.60 -6.49 -2.94
CA ARG D 124 9.57 -6.97 -1.56
C ARG D 124 10.98 -7.24 -1.05
N PRO D 125 11.21 -7.06 0.26
CA PRO D 125 12.57 -7.18 0.79
C PRO D 125 13.04 -8.62 0.96
N TYR D 126 12.13 -9.53 1.33
CA TYR D 126 12.50 -10.91 1.64
C TYR D 126 11.59 -11.85 0.85
N GLN D 127 12.13 -12.45 -0.20
CA GLN D 127 11.38 -13.40 -1.01
C GLN D 127 12.31 -14.53 -1.44
N CYS D 128 11.72 -15.72 -1.62
CA CYS D 128 12.47 -16.87 -2.08
C CYS D 128 12.73 -16.76 -3.58
N ASP D 129 13.96 -17.02 -3.99
CA ASP D 129 14.34 -16.89 -5.39
C ASP D 129 13.90 -18.06 -6.26
N SER D 130 13.46 -19.17 -5.65
CA SER D 130 13.08 -20.36 -6.40
C SER D 130 11.62 -20.76 -6.23
N CYS D 131 10.92 -20.23 -5.22
CA CYS D 131 9.52 -20.61 -4.98
C CYS D 131 8.62 -19.43 -4.69
N CYS D 132 9.12 -18.18 -4.76
CA CYS D 132 8.32 -16.98 -4.53
C CYS D 132 7.67 -16.97 -3.14
N LYS D 133 8.36 -17.55 -2.15
CA LYS D 133 7.83 -17.55 -0.80
C LYS D 133 7.95 -16.16 -0.18
N THR D 134 7.09 -15.89 0.80
CA THR D 134 7.00 -14.59 1.43
C THR D 134 7.49 -14.68 2.88
N PHE D 135 8.35 -13.73 3.27
CA PHE D 135 8.89 -13.68 4.61
C PHE D 135 8.87 -12.24 5.10
N VAL D 136 8.71 -12.07 6.41
CA VAL D 136 8.67 -10.74 7.02
C VAL D 136 9.95 -10.39 7.75
N ARG D 137 10.83 -11.36 8.02
CA ARG D 137 12.07 -11.09 8.73
C ARG D 137 13.20 -11.81 8.03
N SER D 138 14.42 -11.28 8.19
CA SER D 138 15.58 -11.81 7.48
C SER D 138 15.89 -13.25 7.89
N ASP D 139 15.85 -13.53 9.20
CA ASP D 139 16.17 -14.88 9.66
C ASP D 139 15.11 -15.89 9.24
N HIS D 140 13.87 -15.43 9.01
CA HIS D 140 12.84 -16.35 8.53
C HIS D 140 13.15 -16.86 7.13
N LEU D 141 13.65 -15.98 6.25
CA LEU D 141 14.06 -16.41 4.92
C LEU D 141 15.24 -17.37 5.00
N HIS D 142 16.20 -17.08 5.88
CA HIS D 142 17.34 -17.96 6.05
C HIS D 142 16.92 -19.32 6.58
N ARG D 143 15.95 -19.34 7.50
CA ARG D 143 15.46 -20.59 8.06
C ARG D 143 14.82 -21.47 6.99
N HIS D 144 14.01 -20.86 6.11
CA HIS D 144 13.38 -21.62 5.04
C HIS D 144 14.41 -22.17 4.07
N LEU D 145 15.43 -21.37 3.74
CA LEU D 145 16.47 -21.83 2.84
C LEU D 145 17.25 -23.00 3.45
N LYS D 146 17.51 -22.93 4.76
CA LYS D 146 18.21 -24.02 5.43
C LYS D 146 17.38 -25.30 5.44
N LYS D 147 16.08 -25.18 5.68
CA LYS D 147 15.24 -26.37 5.91
C LYS D 147 15.11 -27.20 4.64
N ASP D 148 14.78 -26.58 3.52
CA ASP D 148 14.49 -27.30 2.29
C ASP D 148 15.21 -26.64 1.12
N GLY D 149 15.30 -27.39 0.02
CA GLY D 149 15.92 -26.91 -1.20
C GLY D 149 15.02 -26.11 -2.11
N CYS D 150 13.77 -25.87 -1.71
CA CYS D 150 12.80 -25.06 -2.44
C CYS D 150 12.44 -25.64 -3.81
N ASN D 151 12.82 -26.89 -4.08
CA ASN D 151 12.52 -27.52 -5.36
C ASN D 151 12.63 -29.03 -5.26
N PHE G 41 -30.04 -8.72 -13.49
CA PHE G 41 -30.17 -8.36 -12.09
C PHE G 41 -30.31 -6.85 -11.91
N GLN G 42 -29.50 -6.08 -12.63
CA GLN G 42 -29.51 -4.63 -12.56
C GLN G 42 -29.66 -4.04 -13.96
N LYS G 43 -30.27 -2.86 -14.03
CA LYS G 43 -30.50 -2.17 -15.29
C LYS G 43 -29.68 -0.90 -15.33
N CYS G 44 -29.04 -0.65 -16.47
CA CYS G 44 -28.21 0.55 -16.63
C CYS G 44 -29.11 1.78 -16.72
N PRO G 45 -28.92 2.79 -15.88
CA PRO G 45 -29.84 3.94 -15.89
C PRO G 45 -29.70 4.82 -17.12
N ILE G 46 -28.53 4.85 -17.76
CA ILE G 46 -28.25 5.81 -18.83
C ILE G 46 -28.46 5.20 -20.21
N CYS G 47 -27.86 4.03 -20.47
CA CYS G 47 -27.93 3.42 -21.80
C CYS G 47 -28.93 2.26 -21.86
N GLU G 48 -29.63 1.97 -20.77
CA GLU G 48 -30.64 0.91 -20.72
C GLU G 48 -30.05 -0.44 -21.15
N LYS G 49 -28.96 -0.83 -20.52
CA LYS G 49 -28.33 -2.11 -20.75
C LYS G 49 -28.46 -2.98 -19.50
N VAL G 50 -28.47 -4.30 -19.71
CA VAL G 50 -28.66 -5.26 -18.63
C VAL G 50 -27.28 -5.75 -18.18
N ILE G 51 -26.93 -5.47 -16.93
CA ILE G 51 -25.70 -5.94 -16.32
C ILE G 51 -26.09 -6.83 -15.14
N GLN G 52 -25.70 -8.10 -15.19
CA GLN G 52 -26.13 -9.05 -14.16
C GLN G 52 -25.34 -8.93 -12.87
N GLY G 53 -24.19 -8.25 -12.88
CA GLY G 53 -23.36 -8.16 -11.71
C GLY G 53 -24.01 -7.43 -10.55
N ALA G 54 -24.01 -8.05 -9.38
CA ALA G 54 -24.52 -7.41 -8.16
C ALA G 54 -23.45 -6.47 -7.63
N GLY G 55 -23.70 -5.17 -7.72
CA GLY G 55 -22.70 -4.18 -7.41
C GLY G 55 -21.73 -3.88 -8.52
N LYS G 56 -21.87 -4.52 -9.68
CA LYS G 56 -21.02 -4.26 -10.84
C LYS G 56 -21.60 -3.18 -11.75
N LEU G 57 -22.73 -2.60 -11.40
CA LEU G 57 -23.26 -1.47 -12.17
C LEU G 57 -22.32 -0.27 -12.20
N PRO G 58 -21.70 0.17 -11.09
CA PRO G 58 -20.83 1.36 -11.17
C PRO G 58 -19.70 1.25 -12.18
N ARG G 59 -19.09 0.07 -12.34
CA ARG G 59 -18.01 -0.05 -13.31
C ARG G 59 -18.51 0.13 -14.73
N HIS G 60 -19.74 -0.32 -15.01
CA HIS G 60 -20.35 -0.02 -16.29
C HIS G 60 -20.65 1.47 -16.43
N ILE G 61 -21.10 2.10 -15.34
CA ILE G 61 -21.34 3.54 -15.36
C ILE G 61 -20.03 4.28 -15.59
N ARG G 62 -18.93 3.80 -14.99
CA ARG G 62 -17.64 4.44 -15.17
C ARG G 62 -17.19 4.42 -16.63
N THR G 63 -17.59 3.40 -17.39
CA THR G 63 -17.23 3.34 -18.81
C THR G 63 -17.87 4.50 -19.57
N HIS G 64 -19.12 4.84 -19.26
CA HIS G 64 -19.76 5.98 -19.90
C HIS G 64 -19.17 7.30 -19.39
N THR G 65 -18.99 7.43 -18.07
CA THR G 65 -18.53 8.68 -17.50
C THR G 65 -17.03 8.90 -17.67
N GLY G 66 -16.24 7.83 -17.81
CA GLY G 66 -14.80 7.95 -17.89
C GLY G 66 -14.11 8.19 -16.56
N GLU G 67 -14.82 8.03 -15.46
CA GLU G 67 -14.22 8.23 -14.14
C GLU G 67 -13.17 7.17 -13.86
N LYS G 68 -12.03 7.61 -13.34
CA LYS G 68 -10.91 6.72 -13.01
C LYS G 68 -10.46 7.00 -11.58
N PRO G 69 -11.15 6.41 -10.60
CA PRO G 69 -10.83 6.70 -9.20
C PRO G 69 -9.60 5.96 -8.69
N TYR G 70 -9.34 4.78 -9.25
CA TYR G 70 -8.21 3.98 -8.78
C TYR G 70 -6.92 4.48 -9.42
N GLU G 71 -5.91 4.73 -8.59
CA GLU G 71 -4.65 5.32 -9.03
C GLU G 71 -3.49 4.48 -8.52
N CYS G 72 -2.50 4.28 -9.39
CA CYS G 72 -1.27 3.61 -8.99
C CYS G 72 -0.42 4.56 -8.16
N ASN G 73 0.03 4.09 -6.99
CA ASN G 73 0.79 4.94 -6.08
C ASN G 73 2.24 5.12 -6.49
N ILE G 74 2.71 4.41 -7.52
CA ILE G 74 4.10 4.49 -7.94
C ILE G 74 4.22 5.34 -9.21
N CYS G 75 3.55 4.90 -10.27
CA CYS G 75 3.63 5.57 -11.57
C CYS G 75 2.51 6.58 -11.79
N LYS G 76 1.61 6.75 -10.82
CA LYS G 76 0.60 7.80 -10.84
C LYS G 76 -0.28 7.72 -12.09
N VAL G 77 -0.69 6.52 -12.47
CA VAL G 77 -1.57 6.30 -13.60
C VAL G 77 -2.94 5.88 -13.08
N ARG G 78 -4.00 6.47 -13.62
CA ARG G 78 -5.34 6.21 -13.14
C ARG G 78 -5.91 4.93 -13.75
N PHE G 79 -6.89 4.35 -13.07
CA PHE G 79 -7.60 3.19 -13.55
C PHE G 79 -9.08 3.31 -13.18
N THR G 80 -9.92 2.64 -13.95
CA THR G 80 -11.36 2.70 -13.73
C THR G 80 -11.88 1.56 -12.86
N ARG G 81 -11.13 0.48 -12.72
CA ARG G 81 -11.56 -0.68 -11.94
C ARG G 81 -10.45 -1.11 -10.99
N GLN G 82 -10.86 -1.69 -9.86
CA GLN G 82 -9.89 -2.10 -8.85
C GLN G 82 -8.99 -3.22 -9.36
N ASP G 83 -9.56 -4.21 -10.06
CA ASP G 83 -8.76 -5.33 -10.54
C ASP G 83 -7.74 -4.90 -11.59
N LYS G 84 -8.08 -3.90 -12.40
CA LYS G 84 -7.13 -3.37 -13.37
C LYS G 84 -5.94 -2.72 -12.66
N LEU G 85 -6.20 -2.06 -11.52
CA LEU G 85 -5.10 -1.50 -10.73
C LEU G 85 -4.24 -2.60 -10.14
N LYS G 86 -4.86 -3.71 -9.73
CA LYS G 86 -4.10 -4.79 -9.10
C LYS G 86 -3.12 -5.43 -10.08
N VAL G 87 -3.56 -5.66 -11.32
CA VAL G 87 -2.67 -6.28 -12.30
C VAL G 87 -1.57 -5.30 -12.72
N HIS G 88 -1.84 -4.00 -12.66
CA HIS G 88 -0.79 -3.02 -12.94
C HIS G 88 0.31 -3.10 -11.90
N MET G 89 -0.06 -3.29 -10.63
CA MET G 89 0.95 -3.48 -9.58
C MET G 89 1.74 -4.76 -9.80
N ARG G 90 1.14 -5.75 -10.45
CA ARG G 90 1.86 -6.97 -10.81
C ARG G 90 3.00 -6.67 -11.77
N LYS G 91 2.84 -5.65 -12.61
CA LYS G 91 3.92 -5.22 -13.49
C LYS G 91 5.09 -4.66 -12.69
N HIS G 92 4.81 -3.86 -11.67
CA HIS G 92 5.89 -3.26 -10.87
C HIS G 92 6.62 -4.30 -10.05
N THR G 93 5.89 -5.26 -9.48
CA THR G 93 6.51 -6.28 -8.64
C THR G 93 7.13 -7.42 -9.42
N GLY G 94 6.82 -7.54 -10.72
CA GLY G 94 7.37 -8.61 -11.52
C GLY G 94 6.88 -9.99 -11.16
N GLU G 95 5.71 -10.10 -10.54
CA GLU G 95 5.18 -11.39 -10.15
C GLU G 95 4.79 -12.22 -11.38
N LYS G 96 5.18 -13.49 -11.37
CA LYS G 96 4.89 -14.41 -12.46
C LYS G 96 4.27 -15.69 -11.88
N PRO G 97 2.98 -15.65 -11.56
CA PRO G 97 2.37 -16.83 -10.91
C PRO G 97 2.16 -18.01 -11.85
N TYR G 98 1.76 -17.75 -13.09
CA TYR G 98 1.50 -18.83 -14.04
C TYR G 98 2.82 -19.45 -14.49
N LEU G 99 2.96 -20.76 -14.30
CA LEU G 99 4.19 -21.48 -14.61
C LEU G 99 3.91 -22.60 -15.59
N CYS G 100 4.85 -22.84 -16.49
CA CYS G 100 4.72 -23.92 -17.46
C CYS G 100 4.87 -25.28 -16.78
N GLN G 101 4.22 -26.28 -17.35
CA GLN G 101 4.25 -27.62 -16.76
C GLN G 101 5.59 -28.30 -16.97
N GLN G 102 6.16 -28.18 -18.17
CA GLN G 102 7.40 -28.88 -18.49
C GLN G 102 8.57 -27.95 -18.81
N CYS G 103 8.31 -26.81 -19.45
CA CYS G 103 9.41 -25.90 -19.76
C CYS G 103 9.87 -25.11 -18.55
N GLY G 104 8.97 -24.84 -17.60
CA GLY G 104 9.31 -24.12 -16.39
C GLY G 104 9.24 -22.61 -16.49
N ALA G 105 8.90 -22.07 -17.65
CA ALA G 105 8.80 -20.62 -17.79
C ALA G 105 7.61 -20.08 -17.00
N ALA G 106 7.79 -18.91 -16.40
CA ALA G 106 6.76 -18.27 -15.61
C ALA G 106 6.52 -16.85 -16.11
N PHE G 107 5.25 -16.46 -16.16
CA PHE G 107 4.86 -15.14 -16.64
C PHE G 107 3.66 -14.64 -15.84
N ALA G 108 3.41 -13.33 -15.95
CA ALA G 108 2.49 -12.66 -15.04
C ALA G 108 1.04 -13.06 -15.29
N HIS G 109 0.61 -13.06 -16.54
CA HIS G 109 -0.81 -13.15 -16.86
C HIS G 109 -1.19 -14.55 -17.36
N ASN G 110 -2.50 -14.78 -17.40
CA ASN G 110 -3.02 -16.08 -17.84
C ASN G 110 -2.83 -16.29 -19.34
N TYR G 111 -3.01 -15.24 -20.14
CA TYR G 111 -2.88 -15.40 -21.58
C TYR G 111 -1.44 -15.76 -21.97
N ASP G 112 -0.46 -15.34 -21.17
CA ASP G 112 0.91 -15.78 -21.39
C ASP G 112 1.03 -17.30 -21.21
N LEU G 113 0.36 -17.84 -20.19
CA LEU G 113 0.36 -19.28 -19.99
C LEU G 113 -0.36 -20.00 -21.13
N LYS G 114 -1.55 -19.52 -21.49
CA LYS G 114 -2.33 -20.19 -22.54
C LYS G 114 -1.63 -20.11 -23.89
N ASN G 115 -1.04 -18.96 -24.22
CA ASN G 115 -0.30 -18.84 -25.47
C ASN G 115 0.91 -19.77 -25.48
N HIS G 116 1.61 -19.88 -24.36
CA HIS G 116 2.75 -20.79 -24.29
C HIS G 116 2.30 -22.24 -24.43
N MET G 117 1.13 -22.58 -23.87
CA MET G 117 0.60 -23.93 -24.03
C MET G 117 0.28 -24.24 -25.48
N ARG G 118 -0.33 -23.28 -26.18
CA ARG G 118 -0.72 -23.53 -27.58
C ARG G 118 0.51 -23.53 -28.49
N VAL G 119 1.57 -22.81 -28.13
CA VAL G 119 2.79 -22.83 -28.91
C VAL G 119 3.49 -24.18 -28.78
N HIS G 120 3.59 -24.69 -27.55
CA HIS G 120 4.24 -25.98 -27.33
C HIS G 120 3.46 -27.10 -28.01
N THR G 121 2.14 -27.10 -27.87
CA THR G 121 1.33 -28.14 -28.49
C THR G 121 1.17 -27.92 -29.99
N GLY G 122 1.14 -26.66 -30.44
CA GLY G 122 0.88 -26.39 -31.84
C GLY G 122 -0.53 -26.70 -32.28
N LEU G 123 -1.47 -26.73 -31.34
CA LEU G 123 -2.84 -27.12 -31.62
C LEU G 123 -3.70 -25.88 -31.85
N ARG G 124 -4.43 -25.86 -32.97
CA ARG G 124 -5.36 -24.78 -33.26
C ARG G 124 -6.73 -25.15 -32.73
N PRO G 125 -7.26 -24.46 -31.72
CA PRO G 125 -8.50 -24.91 -31.09
C PRO G 125 -9.77 -24.46 -31.79
N TYR G 126 -9.67 -23.39 -32.58
CA TYR G 126 -10.85 -22.79 -33.22
C TYR G 126 -10.86 -23.14 -34.70
N GLN G 127 -12.00 -23.61 -35.19
CA GLN G 127 -12.17 -24.00 -36.58
C GLN G 127 -13.43 -23.37 -37.15
N CYS G 128 -13.40 -23.05 -38.44
CA CYS G 128 -14.54 -22.49 -39.13
C CYS G 128 -15.57 -23.57 -39.43
N ASP G 129 -16.85 -23.22 -39.30
CA ASP G 129 -17.93 -24.17 -39.52
C ASP G 129 -18.38 -24.25 -40.98
N SER G 130 -17.86 -23.39 -41.86
CA SER G 130 -18.25 -23.39 -43.26
C SER G 130 -17.08 -23.34 -44.23
N CYS G 131 -15.88 -22.98 -43.80
CA CYS G 131 -14.72 -22.91 -44.68
C CYS G 131 -13.60 -23.85 -44.28
N CYS G 132 -13.76 -24.59 -43.17
CA CYS G 132 -12.79 -25.59 -42.71
C CYS G 132 -11.44 -24.99 -42.35
N LYS G 133 -11.36 -23.68 -42.16
CA LYS G 133 -10.13 -23.05 -41.72
C LYS G 133 -10.00 -23.11 -40.20
N THR G 134 -8.77 -23.17 -39.73
CA THR G 134 -8.45 -23.28 -38.31
C THR G 134 -7.73 -22.02 -37.85
N PHE G 135 -8.05 -21.59 -36.62
CA PHE G 135 -7.50 -20.37 -36.06
C PHE G 135 -6.87 -20.66 -34.70
N VAL G 136 -5.88 -19.86 -34.34
CA VAL G 136 -5.18 -20.05 -33.06
C VAL G 136 -5.83 -19.26 -31.93
N ARG G 137 -6.62 -18.24 -32.22
CA ARG G 137 -7.28 -17.45 -31.20
C ARG G 137 -8.72 -17.19 -31.61
N SER G 138 -9.58 -16.98 -30.61
CA SER G 138 -11.01 -16.85 -30.87
C SER G 138 -11.32 -15.61 -31.69
N ASP G 139 -10.67 -14.48 -31.39
CA ASP G 139 -10.96 -13.24 -32.12
C ASP G 139 -10.56 -13.35 -33.58
N HIS G 140 -9.57 -14.19 -33.90
CA HIS G 140 -9.22 -14.41 -35.29
C HIS G 140 -10.37 -15.06 -36.05
N LEU G 141 -11.03 -16.03 -35.42
CA LEU G 141 -12.21 -16.64 -36.03
C LEU G 141 -13.35 -15.63 -36.17
N HIS G 142 -13.54 -14.80 -35.15
CA HIS G 142 -14.61 -13.80 -35.19
C HIS G 142 -14.38 -12.80 -36.32
N ARG G 143 -13.12 -12.38 -36.52
CA ARG G 143 -12.81 -11.47 -37.61
C ARG G 143 -13.09 -12.10 -38.97
N HIS G 144 -13.04 -13.44 -39.05
CA HIS G 144 -13.29 -14.11 -40.31
C HIS G 144 -14.77 -14.10 -40.66
N LEU G 145 -15.63 -14.32 -39.68
CA LEU G 145 -17.08 -14.41 -39.91
C LEU G 145 -17.81 -13.09 -39.69
N LYS G 146 -17.10 -12.02 -39.32
CA LYS G 146 -17.75 -10.73 -39.11
C LYS G 146 -17.84 -9.92 -40.40
N LYS G 147 -16.71 -9.72 -41.08
CA LYS G 147 -16.68 -8.89 -42.28
C LYS G 147 -17.37 -9.54 -43.47
N ASP G 148 -17.70 -10.83 -43.40
CA ASP G 148 -18.30 -11.52 -44.53
C ASP G 148 -19.27 -12.58 -44.01
N GLY G 149 -20.14 -13.04 -44.91
CA GLY G 149 -21.09 -14.09 -44.61
C GLY G 149 -20.51 -15.49 -44.60
N CYS G 150 -19.20 -15.61 -44.76
CA CYS G 150 -18.50 -16.89 -44.72
C CYS G 150 -19.00 -17.84 -45.81
N ASN G 151 -18.81 -17.40 -47.06
CA ASN G 151 -19.06 -18.29 -48.19
C ASN G 151 -17.97 -19.36 -48.26
N GLY G 152 -18.34 -20.52 -48.77
CA GLY G 152 -17.48 -21.69 -48.74
C GLY G 152 -16.12 -21.55 -49.39
N VAL G 153 -15.08 -21.93 -48.65
CA VAL G 153 -13.71 -22.09 -49.15
C VAL G 153 -13.19 -20.80 -49.78
N PRO G 154 -12.87 -19.76 -48.99
CA PRO G 154 -12.14 -18.61 -49.55
C PRO G 154 -10.69 -18.97 -49.87
N SER G 155 -9.96 -18.03 -50.46
CA SER G 155 -8.56 -18.27 -50.82
C SER G 155 -7.81 -16.95 -50.77
N ARG G 156 -6.58 -16.95 -51.30
CA ARG G 156 -5.71 -15.79 -51.34
C ARG G 156 -5.49 -15.22 -49.92
N ARG G 157 -4.89 -16.05 -49.08
CA ARG G 157 -4.69 -15.74 -47.68
C ARG G 157 -3.20 -15.84 -47.31
N GLY G 158 -2.88 -15.38 -46.11
CA GLY G 158 -1.54 -15.55 -45.60
C GLY G 158 -1.26 -16.98 -45.19
N ARG G 159 0.03 -17.30 -45.10
CA ARG G 159 0.44 -18.66 -44.79
C ARG G 159 0.05 -19.03 -43.36
N LYS G 160 -0.79 -20.05 -43.22
CA LYS G 160 -1.23 -20.54 -41.94
C LYS G 160 -0.40 -21.74 -41.52
N PRO G 161 -0.61 -22.25 -40.29
CA PRO G 161 0.15 -23.40 -39.79
C PRO G 161 -0.76 -24.57 -39.42
#